data_7BYU
#
_entry.id   7BYU
#
_cell.length_a   69.465
_cell.length_b   69.465
_cell.length_c   69.200
_cell.angle_alpha   90.000
_cell.angle_beta   90.000
_cell.angle_gamma   120.000
#
_symmetry.space_group_name_H-M   'P 31'
#
loop_
_entity.id
_entity.type
_entity.pdbx_description
1 polymer 'L-fucose mutarotase'
2 non-polymer 2-(2-{2-[2-(2-METHOXY-ETHOXY)-ETHOXY]-ETHOXY}-ETHOXY)-ETHANOL
3 non-polymer 1,2-ETHANEDIOL
4 water water
#
_entity_poly.entity_id   1
_entity_poly.type   'polypeptide(L)'
_entity_poly.pdbx_seq_one_letter_code
;MRGSHHHHHHGSQRMGMVIGIKPEHIDEYKRLHAAVWPAVLARLAEAHVRNYSIFLREPENLLFGYWEYHGTDYAADMEA
IAQDPETRRWWTFCGPCQEPLASRQPGEHWAHMEEVFHVD
;
_entity_poly.pdbx_strand_id   A,B
#
loop_
_chem_comp.id
_chem_comp.type
_chem_comp.name
_chem_comp.formula
1PG non-polymer 2-(2-{2-[2-(2-METHOXY-ETHOXY)-ETHOXY]-ETHOXY}-ETHOXY)-ETHANOL 'C11 H24 O6'
EDO non-polymer 1,2-ETHANEDIOL 'C2 H6 O2'
#
# COMPACT_ATOMS: atom_id res chain seq x y z
N GLN A 13 10.61 4.85 9.42
CA GLN A 13 10.28 3.42 9.40
C GLN A 13 8.87 3.10 8.88
N ARG A 14 8.77 2.65 7.63
CA ARG A 14 7.48 2.46 6.96
C ARG A 14 6.92 1.06 7.19
N MET A 15 5.58 0.95 7.07
CA MET A 15 4.87 -0.32 7.19
C MET A 15 3.76 -0.44 6.15
N GLY A 16 3.65 -1.62 5.57
CA GLY A 16 2.54 -1.94 4.69
C GLY A 16 1.85 -3.20 5.16
N MET A 17 0.52 -3.19 5.12
CA MET A 17 -0.27 -4.29 5.65
C MET A 17 -1.51 -4.48 4.78
N VAL A 18 -2.09 -5.69 4.83
CA VAL A 18 -3.19 -6.06 3.94
C VAL A 18 -4.23 -6.88 4.68
N ILE A 19 -5.50 -6.65 4.36
CA ILE A 19 -6.59 -7.45 4.90
C ILE A 19 -7.69 -7.50 3.86
N GLY A 20 -8.52 -8.56 3.91
CA GLY A 20 -9.68 -8.61 3.04
C GLY A 20 -10.84 -7.79 3.59
N ILE A 21 -11.81 -7.47 2.73
CA ILE A 21 -13.04 -6.81 3.16
C ILE A 21 -14.22 -7.55 2.52
N LYS A 22 -15.24 -7.81 3.34
CA LYS A 22 -16.50 -8.38 2.84
C LYS A 22 -17.21 -7.38 1.95
N PRO A 23 -17.54 -7.71 0.70
CA PRO A 23 -18.02 -6.70 -0.23
C PRO A 23 -19.36 -6.08 0.14
N GLU A 24 -20.20 -6.81 0.88
CA GLU A 24 -21.45 -6.24 1.34
C GLU A 24 -21.27 -5.14 2.39
N HIS A 25 -20.07 -4.99 2.97
CA HIS A 25 -19.81 -3.97 3.98
C HIS A 25 -18.84 -2.88 3.51
N ILE A 26 -18.62 -2.76 2.20
CA ILE A 26 -17.67 -1.77 1.70
C ILE A 26 -18.19 -0.36 1.96
N ASP A 27 -19.50 -0.14 1.74
CA ASP A 27 -20.07 1.20 1.92
C ASP A 27 -20.04 1.60 3.38
N GLU A 28 -20.38 0.67 4.28
CA GLU A 28 -20.28 0.97 5.70
C GLU A 28 -18.85 1.32 6.09
N TYR A 29 -17.90 0.47 5.67
CA TYR A 29 -16.48 0.72 5.96
C TYR A 29 -16.06 2.11 5.48
N LYS A 30 -16.41 2.45 4.24
CA LYS A 30 -16.11 3.78 3.71
C LYS A 30 -16.77 4.89 4.54
N ARG A 31 -18.03 4.71 4.93
CA ARG A 31 -18.71 5.71 5.75
C ARG A 31 -17.99 5.94 7.07
N LEU A 32 -17.60 4.85 7.75
CA LEU A 32 -16.86 4.98 9.00
C LEU A 32 -15.55 5.75 8.81
N HIS A 33 -14.83 5.49 7.71
CA HIS A 33 -13.51 6.08 7.62
C HIS A 33 -13.53 7.49 7.01
N ALA A 34 -14.70 7.95 6.57
CA ALA A 34 -14.85 9.36 6.22
C ALA A 34 -14.93 10.25 7.46
N ALA A 35 -15.11 9.68 8.65
CA ALA A 35 -15.24 10.46 9.87
C ALA A 35 -14.80 9.61 11.05
N VAL A 36 -13.49 9.38 11.17
CA VAL A 36 -12.97 8.55 12.25
C VAL A 36 -13.02 9.33 13.55
N TRP A 37 -13.39 8.66 14.63
CA TRP A 37 -13.45 9.30 15.93
C TRP A 37 -12.15 10.03 16.22
N PRO A 38 -12.19 11.31 16.58
CA PRO A 38 -10.93 12.07 16.78
C PRO A 38 -10.05 11.51 17.91
N ALA A 39 -10.62 10.76 18.86
CA ALA A 39 -9.81 10.17 19.93
C ALA A 39 -9.00 9.00 19.42
N VAL A 40 -9.57 8.22 18.49
CA VAL A 40 -8.82 7.15 17.85
C VAL A 40 -7.66 7.73 17.06
N LEU A 41 -7.92 8.78 16.29
CA LEU A 41 -6.85 9.42 15.54
C LEU A 41 -5.78 9.99 16.48
N ALA A 42 -6.20 10.47 17.65
CA ALA A 42 -5.27 11.08 18.58
C ALA A 42 -4.41 10.02 19.26
N ARG A 43 -5.00 8.90 19.67
CA ARG A 43 -4.22 7.81 20.24
C ARG A 43 -3.26 7.21 19.21
N LEU A 44 -3.59 7.29 17.92
CA LEU A 44 -2.66 6.83 16.89
C LEU A 44 -1.46 7.76 16.79
N ALA A 45 -1.69 9.07 16.84
CA ALA A 45 -0.57 10.00 16.92
C ALA A 45 0.24 9.77 18.18
N GLU A 46 -0.44 9.45 19.29
CA GLU A 46 0.23 9.14 20.56
C GLU A 46 1.19 7.98 20.43
N ALA A 47 0.89 7.02 19.55
CA ALA A 47 1.77 5.88 19.29
C ALA A 47 2.71 6.12 18.13
N HIS A 48 2.84 7.38 17.69
CA HIS A 48 3.84 7.84 16.72
C HIS A 48 3.54 7.41 15.29
N VAL A 49 2.30 7.03 15.00
CA VAL A 49 1.84 6.67 13.66
C VAL A 49 1.47 7.93 12.89
N ARG A 50 2.01 8.07 11.67
CA ARG A 50 1.80 9.26 10.86
C ARG A 50 1.75 8.91 9.37
N ASN A 51 1.13 9.78 8.59
CA ASN A 51 0.96 9.61 7.15
C ASN A 51 0.35 8.24 6.84
N TYR A 52 -0.77 7.95 7.50
CA TYR A 52 -1.44 6.65 7.48
C TYR A 52 -2.58 6.69 6.47
N SER A 53 -2.49 5.85 5.43
CA SER A 53 -3.51 5.78 4.39
C SER A 53 -4.01 4.35 4.27
N ILE A 54 -5.30 4.21 3.90
CA ILE A 54 -5.88 2.92 3.53
C ILE A 54 -6.47 3.03 2.13
N PHE A 55 -6.21 2.03 1.30
CA PHE A 55 -6.65 1.96 -0.07
C PHE A 55 -7.47 0.69 -0.29
N LEU A 56 -8.47 0.78 -1.15
CA LEU A 56 -9.41 -0.32 -1.44
C LEU A 56 -9.21 -0.80 -2.86
N ARG A 57 -9.03 -2.11 -3.05
CA ARG A 57 -9.13 -2.72 -4.37
C ARG A 57 -10.41 -3.54 -4.48
N GLU A 58 -11.21 -3.26 -5.53
CA GLU A 58 -12.31 -4.08 -6.05
C GLU A 58 -12.00 -4.56 -7.47
N PRO A 59 -12.37 -5.78 -7.85
CA PRO A 59 -13.16 -6.80 -7.16
C PRO A 59 -12.39 -7.74 -6.25
N GLU A 60 -11.06 -7.61 -6.13
CA GLU A 60 -10.32 -8.54 -5.26
C GLU A 60 -10.70 -8.37 -3.80
N ASN A 61 -11.29 -7.23 -3.43
CA ASN A 61 -11.76 -6.99 -2.07
C ASN A 61 -10.63 -7.04 -1.06
N LEU A 62 -9.60 -6.23 -1.32
CA LEU A 62 -8.45 -6.10 -0.44
C LEU A 62 -8.31 -4.67 0.04
N LEU A 63 -7.92 -4.50 1.32
CA LEU A 63 -7.51 -3.23 1.89
C LEU A 63 -6.00 -3.25 2.10
N PHE A 64 -5.34 -2.17 1.69
CA PHE A 64 -3.90 -2.02 1.79
CA PHE A 64 -3.89 -2.03 1.81
C PHE A 64 -3.62 -0.80 2.66
N GLY A 65 -3.03 -1.04 3.83
CA GLY A 65 -2.71 0.02 4.75
C GLY A 65 -1.23 0.39 4.70
N TYR A 66 -0.96 1.69 4.82
CA TYR A 66 0.38 2.23 4.76
C TYR A 66 0.51 3.33 5.82
N TRP A 67 1.57 3.25 6.64
CA TRP A 67 1.85 4.30 7.63
C TRP A 67 3.35 4.33 7.94
N GLU A 68 3.81 5.47 8.45
CA GLU A 68 5.20 5.69 8.85
C GLU A 68 5.24 5.86 10.36
N TYR A 69 6.02 5.00 11.04
CA TYR A 69 6.11 4.96 12.49
C TYR A 69 7.43 5.59 12.94
N HIS A 70 7.32 6.72 13.67
CA HIS A 70 8.46 7.45 14.21
C HIS A 70 8.75 7.12 15.67
N GLY A 71 8.23 6.01 16.19
CA GLY A 71 8.50 5.60 17.55
C GLY A 71 9.76 4.77 17.66
N THR A 72 10.00 4.23 18.85
CA THR A 72 11.19 3.42 19.11
C THR A 72 10.90 2.01 19.60
N ASP A 73 9.65 1.67 19.94
CA ASP A 73 9.27 0.30 20.31
C ASP A 73 7.88 0.01 19.75
N TYR A 74 7.86 -0.50 18.51
CA TYR A 74 6.62 -0.71 17.79
C TYR A 74 5.68 -1.65 18.54
N ALA A 75 6.16 -2.84 18.91
CA ALA A 75 5.29 -3.84 19.50
C ALA A 75 4.70 -3.36 20.82
N ALA A 76 5.39 -2.46 21.52
CA ALA A 76 4.82 -1.87 22.73
C ALA A 76 3.65 -0.96 22.38
N ASP A 77 3.92 0.11 21.64
CA ASP A 77 2.91 1.10 21.27
C ASP A 77 1.70 0.48 20.57
N MET A 78 1.86 -0.68 19.93
CA MET A 78 0.72 -1.32 19.30
C MET A 78 -0.16 -2.05 20.29
N GLU A 79 0.35 -2.45 21.45
CA GLU A 79 -0.56 -2.94 22.46
C GLU A 79 -1.01 -1.83 23.41
N ALA A 80 -0.33 -0.68 23.40
CA ALA A 80 -0.88 0.51 24.05
C ALA A 80 -2.24 0.86 23.43
N ILE A 81 -2.25 1.06 22.12
CA ILE A 81 -3.50 1.28 21.39
C ILE A 81 -4.51 0.18 21.69
N ALA A 82 -4.05 -1.07 21.74
CA ALA A 82 -4.95 -2.21 21.63
C ALA A 82 -5.85 -2.40 22.85
N GLN A 83 -5.57 -1.77 23.99
CA GLN A 83 -6.46 -1.81 25.14
C GLN A 83 -6.94 -0.43 25.60
N ASP A 84 -6.63 0.64 24.84
CA ASP A 84 -7.28 1.94 24.97
C ASP A 84 -8.77 1.79 24.71
N PRO A 85 -9.62 1.94 25.73
CA PRO A 85 -11.01 1.45 25.62
C PRO A 85 -11.80 2.06 24.47
N GLU A 86 -11.46 3.29 24.04
CA GLU A 86 -12.16 3.91 22.92
C GLU A 86 -11.77 3.24 21.60
N THR A 87 -10.48 3.01 21.39
CA THR A 87 -10.04 2.34 20.18
C THR A 87 -10.65 0.94 20.09
N ARG A 88 -10.76 0.24 21.22
CA ARG A 88 -11.40 -1.07 21.20
C ARG A 88 -12.86 -0.95 20.78
N ARG A 89 -13.56 0.08 21.26
CA ARG A 89 -14.93 0.29 20.81
C ARG A 89 -14.95 0.51 19.30
N TRP A 90 -14.08 1.39 18.81
CA TRP A 90 -13.97 1.66 17.38
C TRP A 90 -13.84 0.36 16.57
N TRP A 91 -12.95 -0.53 16.99
CA TRP A 91 -12.71 -1.76 16.24
C TRP A 91 -13.91 -2.68 16.21
N THR A 92 -14.86 -2.52 17.14
CA THR A 92 -16.11 -3.29 17.08
C THR A 92 -16.91 -2.99 15.81
N PHE A 93 -16.64 -1.86 15.14
CA PHE A 93 -17.32 -1.48 13.91
C PHE A 93 -16.52 -1.77 12.63
N CYS A 94 -15.18 -1.65 12.67
CA CYS A 94 -14.33 -2.05 11.54
C CYS A 94 -14.31 -3.55 11.35
N GLY A 95 -13.97 -4.30 12.41
CA GLY A 95 -13.76 -5.72 12.31
C GLY A 95 -14.79 -6.45 11.48
N PRO A 96 -16.07 -6.31 11.82
CA PRO A 96 -17.10 -7.05 11.08
C PRO A 96 -17.18 -6.71 9.60
N CYS A 97 -16.59 -5.60 9.15
CA CYS A 97 -16.47 -5.32 7.72
C CYS A 97 -15.29 -6.04 7.09
N GLN A 98 -14.37 -6.53 7.90
CA GLN A 98 -13.08 -7.01 7.43
C GLN A 98 -13.06 -8.52 7.35
N GLU A 99 -12.08 -9.05 6.62
CA GLU A 99 -11.92 -10.49 6.44
C GLU A 99 -10.45 -10.79 6.53
N PRO A 100 -9.96 -11.12 7.73
CA PRO A 100 -8.53 -11.39 7.89
C PRO A 100 -8.07 -12.48 6.93
N LEU A 101 -6.84 -12.33 6.45
CA LEU A 101 -6.30 -13.28 5.49
C LEU A 101 -6.15 -14.66 6.12
N ALA A 102 -6.69 -15.68 5.45
CA ALA A 102 -6.50 -17.05 5.94
C ALA A 102 -5.03 -17.40 6.10
N SER A 103 -4.17 -16.83 5.26
CA SER A 103 -2.74 -17.10 5.32
C SER A 103 -2.01 -16.30 6.39
N ARG A 104 -2.71 -15.54 7.24
CA ARG A 104 -1.99 -14.68 8.18
C ARG A 104 -1.33 -15.51 9.29
N GLN A 105 -0.42 -14.84 10.03
CA GLN A 105 0.29 -15.39 11.18
C GLN A 105 -0.62 -15.43 12.41
N PRO A 106 -0.44 -16.42 13.29
CA PRO A 106 -1.16 -16.40 14.57
C PRO A 106 -0.94 -15.08 15.30
N GLY A 107 -2.03 -14.49 15.80
CA GLY A 107 -1.95 -13.21 16.45
C GLY A 107 -2.10 -12.00 15.54
N GLU A 108 -2.13 -12.21 14.22
CA GLU A 108 -2.33 -11.13 13.28
C GLU A 108 -3.81 -10.91 13.02
N HIS A 109 -4.18 -9.64 12.82
CA HIS A 109 -5.47 -9.31 12.20
C HIS A 109 -5.18 -8.85 10.77
N TRP A 110 -4.62 -7.64 10.61
CA TRP A 110 -3.96 -7.25 9.38
C TRP A 110 -2.66 -8.03 9.22
N ALA A 111 -2.24 -8.27 7.98
CA ALA A 111 -1.10 -9.12 7.69
C ALA A 111 0.06 -8.28 7.20
N HIS A 112 1.23 -8.50 7.80
CA HIS A 112 2.40 -7.69 7.49
C HIS A 112 2.92 -8.01 6.09
N MET A 113 3.35 -6.97 5.39
CA MET A 113 3.95 -7.13 4.06
C MET A 113 5.41 -6.72 4.15
N GLU A 114 6.20 -7.26 3.23
CA GLU A 114 7.64 -7.07 3.22
C GLU A 114 7.97 -5.95 2.25
N GLU A 115 8.68 -4.93 2.72
CA GLU A 115 9.11 -3.87 1.82
C GLU A 115 10.21 -4.41 0.93
N VAL A 116 10.07 -4.23 -0.39
CA VAL A 116 11.09 -4.64 -1.34
C VAL A 116 11.63 -3.50 -2.17
N PHE A 117 11.14 -2.27 -1.96
CA PHE A 117 11.71 -1.15 -2.68
C PHE A 117 11.35 0.14 -1.97
N HIS A 118 12.30 1.06 -1.89
CA HIS A 118 11.96 2.42 -1.50
C HIS A 118 12.91 3.42 -2.16
N VAL A 119 12.35 4.59 -2.48
CA VAL A 119 13.15 5.77 -2.84
C VAL A 119 12.45 7.01 -2.28
N ASP A 120 13.23 7.91 -1.68
CA ASP A 120 12.68 9.16 -1.14
C ASP A 120 12.15 10.08 -2.25
N GLN B 13 -0.87 14.72 -2.96
CA GLN B 13 -1.68 13.74 -3.70
C GLN B 13 -1.11 12.29 -3.74
N ARG B 14 -1.64 11.42 -2.87
CA ARG B 14 -1.17 10.04 -2.70
C ARG B 14 -1.80 9.10 -3.71
N MET B 15 -1.10 7.99 -3.99
CA MET B 15 -1.58 6.95 -4.91
C MET B 15 -1.19 5.56 -4.44
N GLY B 16 -2.12 4.63 -4.55
CA GLY B 16 -1.87 3.23 -4.25
C GLY B 16 -2.26 2.36 -5.42
N MET B 17 -1.40 1.39 -5.73
CA MET B 17 -1.60 0.54 -6.91
C MET B 17 -1.18 -0.88 -6.58
N VAL B 18 -1.71 -1.84 -7.35
CA VAL B 18 -1.53 -3.26 -7.03
C VAL B 18 -1.32 -4.08 -8.30
N ILE B 19 -0.43 -5.08 -8.20
CA ILE B 19 -0.18 -5.96 -9.33
C ILE B 19 0.25 -7.31 -8.76
N GLY B 20 -0.07 -8.39 -9.49
CA GLY B 20 0.41 -9.70 -9.07
C GLY B 20 1.88 -9.91 -9.44
N ILE B 21 2.50 -10.89 -8.80
CA ILE B 21 3.86 -11.28 -9.13
C ILE B 21 3.91 -12.80 -9.27
N LYS B 22 4.58 -13.29 -10.32
CA LYS B 22 4.78 -14.74 -10.49
C LYS B 22 5.74 -15.24 -9.43
N PRO B 23 5.38 -16.24 -8.63
CA PRO B 23 6.22 -16.59 -7.47
C PRO B 23 7.61 -17.09 -7.84
N GLU B 24 7.79 -17.68 -9.02
CA GLU B 24 9.11 -18.12 -9.44
C GLU B 24 10.06 -16.97 -9.73
N HIS B 25 9.57 -15.73 -9.81
CA HIS B 25 10.43 -14.57 -10.10
C HIS B 25 10.54 -13.59 -8.92
N ILE B 26 10.19 -14.00 -7.70
CA ILE B 26 10.20 -13.07 -6.57
C ILE B 26 11.63 -12.67 -6.22
N ASP B 27 12.56 -13.63 -6.22
CA ASP B 27 13.94 -13.34 -5.87
C ASP B 27 14.59 -12.42 -6.90
N GLU B 28 14.35 -12.71 -8.19
CA GLU B 28 14.83 -11.82 -9.24
C GLU B 28 14.27 -10.41 -9.06
N TYR B 29 12.95 -10.30 -8.91
CA TYR B 29 12.32 -9.00 -8.70
C TYR B 29 12.96 -8.26 -7.52
N LYS B 30 13.15 -8.98 -6.40
CA LYS B 30 13.81 -8.38 -5.23
C LYS B 30 15.23 -7.92 -5.57
N ARG B 31 16.00 -8.75 -6.27
CA ARG B 31 17.37 -8.39 -6.63
C ARG B 31 17.41 -7.12 -7.47
N LEU B 32 16.57 -7.04 -8.50
CA LEU B 32 16.48 -5.83 -9.31
C LEU B 32 16.18 -4.61 -8.43
N HIS B 33 15.25 -4.74 -7.50
CA HIS B 33 14.83 -3.54 -6.79
C HIS B 33 15.75 -3.20 -5.62
N ALA B 34 16.73 -4.04 -5.32
CA ALA B 34 17.77 -3.64 -4.39
C ALA B 34 18.80 -2.71 -5.01
N ALA B 35 18.74 -2.48 -6.33
CA ALA B 35 19.68 -1.61 -7.03
C ALA B 35 19.06 -1.12 -8.32
N VAL B 36 18.09 -0.21 -8.20
CA VAL B 36 17.42 0.33 -9.37
C VAL B 36 18.35 1.30 -10.07
N TRP B 37 18.40 1.21 -11.40
CA TRP B 37 19.23 2.09 -12.20
C TRP B 37 19.03 3.54 -11.77
N PRO B 38 20.09 4.25 -11.39
CA PRO B 38 19.90 5.61 -10.81
C PRO B 38 19.21 6.59 -11.73
N ALA B 39 19.28 6.38 -13.04
CA ALA B 39 18.61 7.28 -13.98
C ALA B 39 17.12 7.03 -14.01
N VAL B 40 16.71 5.77 -13.84
CA VAL B 40 15.28 5.46 -13.71
C VAL B 40 14.72 6.15 -12.48
N LEU B 41 15.47 6.12 -11.37
CA LEU B 41 15.06 6.85 -10.19
C LEU B 41 15.05 8.34 -10.44
N ALA B 42 16.00 8.82 -11.25
CA ALA B 42 16.06 10.23 -11.59
C ALA B 42 14.91 10.64 -12.51
N ARG B 43 14.56 9.77 -13.46
CA ARG B 43 13.38 10.00 -14.29
C ARG B 43 12.11 10.09 -13.44
N LEU B 44 12.06 9.38 -12.32
CA LEU B 44 10.88 9.41 -11.45
C LEU B 44 10.82 10.69 -10.64
N ALA B 45 11.95 11.10 -10.05
CA ALA B 45 11.99 12.40 -9.41
C ALA B 45 11.58 13.51 -10.37
N GLU B 46 12.05 13.40 -11.62
CA GLU B 46 11.73 14.37 -12.68
C GLU B 46 10.24 14.42 -13.01
N ALA B 47 9.49 13.36 -12.71
CA ALA B 47 8.04 13.36 -12.89
C ALA B 47 7.31 13.64 -11.59
N HIS B 48 8.03 14.11 -10.56
CA HIS B 48 7.52 14.63 -9.28
C HIS B 48 7.08 13.53 -8.32
N VAL B 49 7.33 12.26 -8.65
CA VAL B 49 7.07 11.14 -7.73
C VAL B 49 8.06 11.17 -6.57
N ARG B 50 7.54 10.99 -5.35
CA ARG B 50 8.35 11.01 -4.13
C ARG B 50 7.80 10.00 -3.13
N ASN B 51 8.67 9.54 -2.22
CA ASN B 51 8.26 8.65 -1.12
C ASN B 51 7.58 7.38 -1.66
N TYR B 52 8.21 6.77 -2.67
CA TYR B 52 7.67 5.64 -3.43
C TYR B 52 8.16 4.33 -2.81
N SER B 53 7.23 3.51 -2.33
CA SER B 53 7.58 2.21 -1.76
C SER B 53 6.80 1.12 -2.45
N ILE B 54 7.39 -0.08 -2.51
CA ILE B 54 6.72 -1.29 -2.97
C ILE B 54 6.83 -2.37 -1.89
N PHE B 55 5.71 -3.05 -1.62
CA PHE B 55 5.57 -4.07 -0.59
C PHE B 55 5.09 -5.35 -1.24
N LEU B 56 5.60 -6.50 -0.77
CA LEU B 56 5.26 -7.82 -1.29
C LEU B 56 4.43 -8.59 -0.27
N ARG B 57 3.32 -9.18 -0.71
CA ARG B 57 2.62 -10.18 0.09
C ARG B 57 2.77 -11.57 -0.52
N GLU B 58 3.33 -12.54 0.27
CA GLU B 58 3.23 -13.99 0.06
C GLU B 58 2.31 -14.63 1.11
N PRO B 59 1.50 -15.63 0.76
CA PRO B 59 1.45 -16.37 -0.50
C PRO B 59 0.48 -15.82 -1.53
N GLU B 60 -0.20 -14.70 -1.24
CA GLU B 60 -1.15 -14.18 -2.21
C GLU B 60 -0.45 -13.67 -3.47
N ASN B 61 0.85 -13.36 -3.37
CA ASN B 61 1.67 -12.99 -4.53
C ASN B 61 1.18 -11.67 -5.13
N LEU B 62 1.12 -10.65 -4.28
CA LEU B 62 0.72 -9.31 -4.69
C LEU B 62 1.78 -8.29 -4.31
N LEU B 63 1.97 -7.30 -5.20
CA LEU B 63 2.79 -6.12 -4.96
C LEU B 63 1.89 -4.91 -4.77
N PHE B 64 2.16 -4.13 -3.74
CA PHE B 64 1.40 -2.92 -3.45
CA PHE B 64 1.39 -2.93 -3.41
C PHE B 64 2.34 -1.74 -3.52
N GLY B 65 2.07 -0.85 -4.46
CA GLY B 65 2.89 0.33 -4.66
C GLY B 65 2.20 1.54 -4.02
N TYR B 66 3.02 2.37 -3.37
CA TYR B 66 2.57 3.59 -2.74
C TYR B 66 3.54 4.71 -3.09
N TRP B 67 3.02 5.86 -3.52
CA TRP B 67 3.86 7.03 -3.80
C TRP B 67 3.02 8.30 -3.72
N GLU B 68 3.71 9.41 -3.45
CA GLU B 68 3.12 10.75 -3.36
C GLU B 68 3.57 11.56 -4.57
N TYR B 69 2.62 12.07 -5.35
CA TYR B 69 2.88 12.80 -6.59
C TYR B 69 2.62 14.30 -6.38
N HIS B 70 3.69 15.10 -6.45
CA HIS B 70 3.64 16.55 -6.27
C HIS B 70 3.61 17.31 -7.60
N GLY B 71 3.19 16.67 -8.68
CA GLY B 71 3.11 17.33 -9.97
C GLY B 71 1.80 18.05 -10.19
N THR B 72 1.52 18.33 -11.46
CA THR B 72 0.33 19.08 -11.88
C THR B 72 -0.55 18.32 -12.87
N ASP B 73 0.04 17.61 -13.83
CA ASP B 73 -0.68 16.84 -14.83
C ASP B 73 -0.18 15.41 -14.79
N TYR B 74 -0.90 14.55 -14.05
CA TYR B 74 -0.45 13.19 -13.81
C TYR B 74 -0.34 12.40 -15.11
N ALA B 75 -1.41 12.36 -15.91
CA ALA B 75 -1.38 11.54 -17.11
C ALA B 75 -0.35 12.02 -18.12
N ALA B 76 0.08 13.28 -18.02
CA ALA B 76 1.19 13.76 -18.84
C ALA B 76 2.49 13.15 -18.37
N ASP B 77 2.88 13.49 -17.14
CA ASP B 77 4.15 13.03 -16.56
C ASP B 77 4.29 11.52 -16.61
N MET B 78 3.18 10.76 -16.53
CA MET B 78 3.28 9.31 -16.67
C MET B 78 3.58 8.90 -18.09
N GLU B 79 3.01 9.61 -19.07
CA GLU B 79 3.40 9.32 -20.45
C GLU B 79 4.81 9.79 -20.74
N ALA B 80 5.29 10.81 -20.01
CA ALA B 80 6.68 11.24 -20.15
C ALA B 80 7.63 10.09 -19.83
N ILE B 81 7.51 9.54 -18.62
CA ILE B 81 8.31 8.39 -18.21
C ILE B 81 8.22 7.27 -19.24
N ALA B 82 7.01 7.01 -19.75
CA ALA B 82 6.73 5.78 -20.49
C ALA B 82 7.47 5.68 -21.83
N GLN B 83 8.05 6.77 -22.35
CA GLN B 83 8.84 6.71 -23.57
C GLN B 83 10.30 7.13 -23.41
N ASP B 84 10.72 7.52 -22.20
CA ASP B 84 12.14 7.65 -21.85
C ASP B 84 12.85 6.32 -22.09
N PRO B 85 13.76 6.27 -23.08
CA PRO B 85 14.21 4.96 -23.60
C PRO B 85 14.85 4.07 -22.55
N GLU B 86 15.42 4.65 -21.49
CA GLU B 86 16.09 3.82 -20.49
C GLU B 86 15.10 3.23 -19.49
N THR B 87 14.08 4.00 -19.09
CA THR B 87 13.00 3.40 -18.31
C THR B 87 12.33 2.28 -19.07
N ARG B 88 12.11 2.48 -20.38
CA ARG B 88 11.54 1.43 -21.20
C ARG B 88 12.39 0.17 -21.15
N ARG B 89 13.71 0.33 -21.17
CA ARG B 89 14.60 -0.82 -21.04
C ARG B 89 14.42 -1.49 -19.68
N TRP B 90 14.40 -0.70 -18.61
CA TRP B 90 14.20 -1.21 -17.26
C TRP B 90 12.97 -2.10 -17.17
N TRP B 91 11.84 -1.64 -17.72
CA TRP B 91 10.60 -2.37 -17.61
C TRP B 91 10.65 -3.72 -18.32
N THR B 92 11.60 -3.92 -19.25
CA THR B 92 11.79 -5.22 -19.86
C THR B 92 12.27 -6.28 -18.88
N PHE B 93 12.75 -5.86 -17.70
CA PHE B 93 13.16 -6.76 -16.63
C PHE B 93 12.10 -6.92 -15.53
N CYS B 94 11.39 -5.84 -15.17
CA CYS B 94 10.30 -5.92 -14.19
C CYS B 94 9.10 -6.73 -14.70
N GLY B 95 8.62 -6.39 -15.90
CA GLY B 95 7.42 -6.94 -16.48
C GLY B 95 7.29 -8.45 -16.42
N PRO B 96 8.29 -9.18 -16.93
CA PRO B 96 8.19 -10.64 -16.94
C PRO B 96 8.12 -11.27 -15.54
N CYS B 97 8.48 -10.52 -14.49
CA CYS B 97 8.26 -10.94 -13.12
C CYS B 97 6.83 -10.70 -12.66
N GLN B 98 6.08 -9.86 -13.38
CA GLN B 98 4.80 -9.37 -12.92
C GLN B 98 3.64 -10.10 -13.60
N GLU B 99 2.46 -9.95 -13.00
CA GLU B 99 1.24 -10.61 -13.49
C GLU B 99 0.12 -9.61 -13.32
N PRO B 100 -0.14 -8.80 -14.34
CA PRO B 100 -1.18 -7.76 -14.20
C PRO B 100 -2.52 -8.39 -13.86
N LEU B 101 -3.31 -7.68 -13.07
CA LEU B 101 -4.57 -8.25 -12.60
C LEU B 101 -5.52 -8.46 -13.75
N ALA B 102 -6.11 -9.66 -13.85
CA ALA B 102 -7.11 -9.91 -14.89
C ALA B 102 -8.28 -8.95 -14.81
N SER B 103 -8.59 -8.43 -13.61
CA SER B 103 -9.66 -7.46 -13.41
C SER B 103 -9.26 -6.02 -13.74
N ARG B 104 -8.05 -5.77 -14.23
CA ARG B 104 -7.64 -4.37 -14.42
C ARG B 104 -8.37 -3.75 -15.61
N GLN B 105 -8.24 -2.40 -15.70
CA GLN B 105 -8.83 -1.59 -16.76
C GLN B 105 -8.01 -1.71 -18.05
N PRO B 106 -8.65 -1.53 -19.20
CA PRO B 106 -7.88 -1.44 -20.45
C PRO B 106 -6.83 -0.33 -20.39
N GLY B 107 -5.62 -0.66 -20.81
CA GLY B 107 -4.51 0.28 -20.74
C GLY B 107 -3.72 0.25 -19.44
N GLU B 108 -4.21 -0.44 -18.42
CA GLU B 108 -3.52 -0.50 -17.14
C GLU B 108 -2.50 -1.63 -17.15
N HIS B 109 -1.36 -1.39 -16.50
CA HIS B 109 -0.47 -2.47 -16.10
C HIS B 109 -0.70 -2.72 -14.60
N TRP B 110 -0.20 -1.82 -13.75
CA TRP B 110 -0.61 -1.77 -12.34
C TRP B 110 -2.05 -1.28 -12.25
N ALA B 111 -2.78 -1.81 -11.28
CA ALA B 111 -4.20 -1.49 -11.11
C ALA B 111 -4.35 -0.47 -10.00
N HIS B 112 -5.08 0.60 -10.29
CA HIS B 112 -5.15 1.68 -9.33
C HIS B 112 -6.16 1.35 -8.24
N MET B 113 -5.92 1.89 -7.06
CA MET B 113 -6.74 1.61 -5.89
C MET B 113 -7.34 2.91 -5.40
N GLU B 114 -8.45 2.79 -4.68
CA GLU B 114 -9.22 3.92 -4.18
C GLU B 114 -8.82 4.21 -2.74
N GLU B 115 -8.36 5.41 -2.47
CA GLU B 115 -8.09 5.78 -1.10
C GLU B 115 -9.40 5.91 -0.35
N VAL B 116 -9.52 5.26 0.80
CA VAL B 116 -10.71 5.39 1.64
C VAL B 116 -10.40 5.96 3.01
N PHE B 117 -9.13 6.27 3.29
CA PHE B 117 -8.82 6.87 4.59
C PHE B 117 -7.46 7.54 4.51
N HIS B 118 -7.37 8.72 5.10
CA HIS B 118 -6.05 9.30 5.36
C HIS B 118 -6.07 10.11 6.64
N VAL B 119 -4.95 10.08 7.37
CA VAL B 119 -4.67 11.02 8.44
C VAL B 119 -3.19 11.37 8.41
N ASP B 120 -2.89 12.66 8.48
CA ASP B 120 -1.48 13.12 8.41
C ASP B 120 -0.71 12.63 9.63
C2 1PG C . -5.37 -5.86 16.73
C1 1PG C . -5.20 -8.27 16.72
O1 1PG C . -4.56 -7.01 16.85
O2 1PG C . -7.10 -5.28 15.10
C3 1PG C . -6.79 -6.12 16.18
C4 1PG C . -6.59 -3.96 15.17
C5 1PG C . -6.14 -3.38 13.82
O3 1PG C . -4.93 -2.67 13.98
C6 1PG C . -4.60 -1.76 12.96
C7 1PG C . -3.30 -2.19 12.24
O4 1PG C . -2.39 -2.69 13.18
C8 1PG C . -1.37 -3.55 12.71
C9 1PG C . -0.22 -3.66 13.72
O5 1PG C . -0.52 -4.52 14.81
C10 1PG C . 0.51 -5.41 15.21
C11 1PG C . -0.09 -6.77 15.56
O6 1PG C . 0.79 -7.84 15.24
C1 EDO D . -7.70 3.71 12.58
O1 EDO D . -7.61 2.30 12.87
C2 EDO D . -8.44 3.88 11.27
O2 EDO D . -9.51 2.92 11.26
C2 1PG E . 2.41 0.92 -19.76
C1 1PG E . 0.60 -0.28 -20.69
O1 1PG E . 1.01 0.75 -19.83
O2 1PG E . 3.20 1.25 -17.49
C3 1PG E . 2.78 1.93 -18.65
C4 1PG E . 4.11 0.19 -17.69
C5 1PG E . 4.45 -0.53 -16.37
O3 1PG E . 5.18 0.27 -15.48
C6 1PG E . 4.44 1.06 -14.59
C7 1PG E . 5.33 1.88 -13.65
O4 1PG E . 4.59 2.90 -13.04
C8 1PG E . 3.42 2.48 -12.42
C9 1PG E . 2.44 3.65 -12.29
O5 1PG E . 1.45 3.57 -13.27
C10 1PG E . 0.55 4.65 -13.25
C11 1PG E . 0.38 5.22 -14.66
O6 1PG E . -0.79 4.73 -15.24
C1 EDO F . 10.38 2.01 -10.98
O1 EDO F . 9.46 1.24 -11.78
C2 EDO F . 10.82 1.18 -9.78
O2 EDO F . 10.98 -0.18 -10.21
#